data_2CJQ
#
_entry.id   2CJQ
#
_cell.length_a   106.244
_cell.length_b   106.244
_cell.length_c   55.387
_cell.angle_alpha   90.00
_cell.angle_beta   90.00
_cell.angle_gamma   120.00
#
_symmetry.space_group_name_H-M   'P 31'
#
loop_
_entity.id
_entity.type
_entity.pdbx_description
1 polymer 'RNA-DIRECTED RNA POLYMERASE'
2 water water
#
_entity_poly.entity_id   1
_entity_poly.type   'polypeptide(L)'
_entity_poly.pdbx_seq_one_letter_code
;SSWFLQATNKQMSLTPLFEELLLRCPPKIKSNKGHMASAYQLAQGNWEPLDCGVHLGTIPARRVKIHPYEAYLKLKDLLE
EEEKKPKCRDTVIREHNKWILKKVRHQGNLNTKKTLNPGKLSEQLDREGHKRNIYNNQIGTIMTEAGIRLEKLPVVRAQT
DTKSFHEAIRDKIDKNENQQSPGLHDKLLEIFHTIAQPSLRHTYSDVTWEQLEAGVNRKGAAGFLEKKNVGEVLDSEKHL
VEQLIRDLKTGRKIRYYETAIPKNEKRDVSDDWQSGDLVDEKKPRVIQYPEAKTRLAITKVMYNWVKQQPVVIPGYEGKT
PLFNIFNKVRKEWDLFNEPVAVSFDTKNWDTQVTSRDLRLIGEIQKYYYRKEWHKFIDTITDHMVEVPVITADGEVYIRN
GQRGSGQPDTSAGNSMLNVLTMMYAFCESTGVPYKSFNNRVARIHVCGDDGFLITEKGLGLKFANNGMQILHEAGKPQKI
TEGERMKVAYRFEDIEFCSHTPVPVRWSDNTSSYMAGRDTAVILSKMATRLDSSGERGTIAYEKAVAFSFLLMYSWNPLV
RRICLLVLSQQPETTPSTQTTYYYKGDPIGAYKDVIGKNLCELKRTGFEKLANLNLSLSTLGIWSKHTSKRIIQDCVTIG
KEEGNWLVNADRLISSKTGHLYIPDKGYTLQGKHYEQLQLQARTSPVTGVGTERYKLGPIVNLLLRRLRVLLMAAVGASS
;
_entity_poly.pdbx_strand_id   A
#
# COMPACT_ATOMS: atom_id res chain seq x y z
N VAL A 92 33.95 -11.56 -11.17
CA VAL A 92 34.10 -10.87 -9.85
C VAL A 92 32.92 -9.94 -9.67
N ILE A 93 32.97 -9.13 -8.62
CA ILE A 93 31.94 -8.18 -8.27
C ILE A 93 32.29 -6.82 -8.89
N ARG A 94 31.37 -5.87 -8.84
CA ARG A 94 31.64 -4.55 -9.37
C ARG A 94 32.56 -3.85 -8.36
N GLU A 95 33.49 -3.06 -8.88
CA GLU A 95 34.47 -2.37 -8.05
C GLU A 95 33.95 -1.70 -6.78
N HIS A 96 32.89 -0.90 -6.87
CA HIS A 96 32.35 -0.21 -5.71
C HIS A 96 31.60 -1.11 -4.73
N ASN A 97 31.54 -2.41 -5.03
CA ASN A 97 30.86 -3.36 -4.16
C ASN A 97 31.81 -4.23 -3.33
N LYS A 98 33.08 -4.22 -3.70
CA LYS A 98 34.09 -5.03 -3.03
C LYS A 98 34.37 -4.65 -1.57
N TRP A 99 33.94 -3.47 -1.15
CA TRP A 99 34.16 -3.05 0.23
C TRP A 99 33.55 -4.02 1.24
N ILE A 100 32.54 -4.79 0.84
CA ILE A 100 31.88 -5.73 1.75
C ILE A 100 32.67 -7.03 1.90
N LEU A 101 33.46 -7.38 0.89
CA LEU A 101 34.26 -8.59 0.94
C LEU A 101 35.35 -8.48 2.01
N LYS A 102 35.86 -7.26 2.19
CA LYS A 102 36.89 -6.99 3.17
C LYS A 102 36.30 -7.07 4.57
N LYS A 103 35.11 -7.64 4.69
CA LYS A 103 34.47 -7.74 6.00
C LYS A 103 33.91 -9.15 6.27
N VAL A 104 34.08 -10.05 5.30
CA VAL A 104 33.61 -11.43 5.45
C VAL A 104 34.51 -12.16 6.44
N ARG A 105 34.01 -12.35 7.65
CA ARG A 105 34.76 -13.04 8.71
C ARG A 105 34.68 -14.56 8.64
N HIS A 106 33.62 -15.09 8.04
CA HIS A 106 33.45 -16.54 7.92
C HIS A 106 33.20 -17.02 6.50
N GLN A 107 32.84 -18.29 6.37
CA GLN A 107 32.58 -18.90 5.07
C GLN A 107 31.09 -18.98 4.74
N GLY A 108 30.76 -18.76 3.46
CA GLY A 108 29.39 -18.78 3.01
C GLY A 108 28.59 -19.95 3.56
N ASN A 109 27.76 -19.67 4.56
CA ASN A 109 26.94 -20.68 5.20
C ASN A 109 25.58 -20.87 4.52
N LEU A 110 25.21 -19.89 3.70
CA LEU A 110 23.95 -19.98 2.98
C LEU A 110 24.18 -21.01 1.88
N ASN A 111 23.30 -21.06 0.88
CA ASN A 111 23.46 -22.03 -0.19
C ASN A 111 22.81 -21.62 -1.50
N THR A 112 23.21 -20.45 -1.99
CA THR A 112 22.71 -19.92 -3.24
C THR A 112 23.38 -20.65 -4.37
N LYS A 113 22.73 -20.70 -5.53
CA LYS A 113 23.28 -21.38 -6.69
C LYS A 113 23.38 -20.43 -7.90
N LYS A 114 22.88 -19.22 -7.74
CA LYS A 114 22.90 -18.23 -8.81
C LYS A 114 23.43 -16.85 -8.41
N THR A 115 23.09 -16.39 -7.21
CA THR A 115 23.60 -15.10 -6.74
C THR A 115 24.83 -15.43 -5.90
N LEU A 116 25.84 -14.55 -5.92
CA LEU A 116 27.07 -14.78 -5.18
C LEU A 116 26.90 -14.70 -3.66
N ASN A 117 27.48 -15.68 -2.96
CA ASN A 117 27.41 -15.75 -1.51
C ASN A 117 28.83 -15.82 -0.96
N PRO A 118 29.57 -14.69 -1.04
CA PRO A 118 30.96 -14.56 -0.58
C PRO A 118 31.28 -15.14 0.79
N GLY A 119 30.35 -14.99 1.74
CA GLY A 119 30.57 -15.51 3.08
C GLY A 119 29.79 -14.79 4.17
N LYS A 120 29.98 -15.21 5.42
CA LYS A 120 29.27 -14.58 6.53
C LYS A 120 30.14 -13.57 7.27
N LEU A 121 29.50 -12.67 7.99
CA LEU A 121 30.19 -11.66 8.77
C LEU A 121 29.94 -12.02 10.22
N SER A 122 30.53 -11.24 11.12
CA SER A 122 30.34 -11.43 12.55
C SER A 122 29.01 -10.74 12.81
N GLU A 123 28.27 -11.18 13.82
CA GLU A 123 26.99 -10.56 14.11
C GLU A 123 26.82 -10.20 15.58
N GLN A 124 26.34 -8.99 15.83
CA GLN A 124 26.13 -8.48 17.18
C GLN A 124 24.67 -8.59 17.59
N ASN A 133 1.84 -6.09 18.95
CA ASN A 133 1.28 -7.40 19.26
C ASN A 133 0.43 -7.30 20.52
N ILE A 134 -0.10 -6.10 20.77
CA ILE A 134 -0.94 -5.84 21.93
C ILE A 134 -2.39 -5.57 21.50
N TYR A 135 -3.27 -5.40 22.48
CA TYR A 135 -4.69 -5.16 22.23
C TYR A 135 -5.17 -3.76 22.57
N ASN A 136 -6.15 -3.30 21.81
CA ASN A 136 -6.77 -2.00 22.03
C ASN A 136 -7.84 -2.32 23.07
N ASN A 137 -7.45 -2.26 24.35
CA ASN A 137 -8.34 -2.59 25.45
C ASN A 137 -9.82 -2.23 25.31
N GLN A 138 -10.12 -0.95 25.12
CA GLN A 138 -11.51 -0.51 24.97
C GLN A 138 -12.22 -1.14 23.77
N ILE A 139 -11.47 -1.39 22.70
CA ILE A 139 -12.01 -1.98 21.48
C ILE A 139 -12.21 -3.49 21.61
N GLY A 140 -11.18 -4.18 22.11
CA GLY A 140 -11.28 -5.62 22.29
C GLY A 140 -12.35 -5.96 23.31
N THR A 141 -12.54 -5.06 24.27
CA THR A 141 -13.53 -5.25 25.33
C THR A 141 -14.94 -5.18 24.80
N ILE A 142 -15.24 -4.13 24.02
CA ILE A 142 -16.58 -4.00 23.45
C ILE A 142 -16.84 -5.25 22.61
N MET A 143 -15.81 -5.69 21.90
CA MET A 143 -15.88 -6.89 21.07
C MET A 143 -16.17 -8.13 21.91
N THR A 144 -15.41 -8.29 22.99
CA THR A 144 -15.58 -9.43 23.90
C THR A 144 -17.00 -9.42 24.49
N GLU A 145 -17.40 -8.25 25.00
CA GLU A 145 -18.71 -8.06 25.59
C GLU A 145 -19.81 -8.38 24.57
N ALA A 146 -19.51 -8.11 23.31
CA ALA A 146 -20.47 -8.35 22.23
C ALA A 146 -20.64 -9.84 21.93
N GLY A 147 -19.64 -10.65 22.29
CA GLY A 147 -19.74 -12.07 22.02
C GLY A 147 -18.75 -12.53 20.98
N ILE A 148 -17.77 -11.67 20.73
CA ILE A 148 -16.73 -11.97 19.75
C ILE A 148 -15.58 -12.66 20.43
N ARG A 149 -14.92 -13.55 19.68
CA ARG A 149 -13.80 -14.31 20.19
C ARG A 149 -12.47 -13.93 19.55
N LEU A 150 -11.80 -12.98 20.20
CA LEU A 150 -10.51 -12.42 19.82
C LEU A 150 -9.43 -13.45 19.45
N GLU A 151 -9.47 -14.59 20.09
CA GLU A 151 -8.51 -15.65 19.79
C GLU A 151 -8.78 -16.22 18.42
N LYS A 152 -10.07 -16.25 18.08
CA LYS A 152 -10.62 -16.78 16.83
C LYS A 152 -10.36 -15.89 15.60
N LEU A 153 -9.97 -14.66 15.86
CA LEU A 153 -9.66 -13.69 14.80
C LEU A 153 -8.35 -14.05 14.13
N PRO A 154 -8.23 -13.79 12.83
CA PRO A 154 -7.00 -14.09 12.07
C PRO A 154 -5.82 -13.15 12.29
N VAL A 155 -4.64 -13.75 12.51
CA VAL A 155 -3.39 -13.03 12.74
C VAL A 155 -2.28 -13.84 12.04
N VAL A 156 -1.28 -13.16 11.49
CA VAL A 156 -0.19 -13.84 10.78
C VAL A 156 0.83 -14.53 11.68
N THR A 160 9.42 -15.64 12.71
CA THR A 160 10.85 -15.77 12.45
C THR A 160 11.34 -17.20 12.62
N ASP A 161 12.37 -17.53 11.85
CA ASP A 161 12.99 -18.85 11.88
C ASP A 161 14.21 -18.73 10.97
N THR A 162 15.39 -18.62 11.60
CA THR A 162 16.66 -18.48 10.88
C THR A 162 16.93 -19.60 9.87
N LYS A 163 16.01 -20.54 9.78
CA LYS A 163 16.16 -21.66 8.86
C LYS A 163 15.08 -21.59 7.78
N SER A 164 13.91 -21.07 8.15
CA SER A 164 12.79 -20.92 7.22
C SER A 164 13.00 -19.64 6.42
N PHE A 165 13.76 -18.72 7.00
CA PHE A 165 14.09 -17.45 6.36
C PHE A 165 15.09 -17.73 5.24
N HIS A 166 16.19 -18.40 5.58
CA HIS A 166 17.20 -18.71 4.59
C HIS A 166 16.58 -19.45 3.42
N GLU A 167 15.44 -20.09 3.67
CA GLU A 167 14.74 -20.81 2.61
C GLU A 167 14.14 -19.83 1.62
N ALA A 168 13.43 -18.83 2.13
CA ALA A 168 12.81 -17.82 1.28
C ALA A 168 13.84 -17.23 0.34
N ILE A 169 14.99 -16.85 0.88
CA ILE A 169 16.06 -16.27 0.08
C ILE A 169 16.41 -17.19 -1.09
N ARG A 170 16.72 -18.45 -0.78
CA ARG A 170 17.09 -19.43 -1.80
C ARG A 170 15.95 -19.77 -2.78
N ASP A 171 14.72 -19.59 -2.34
CA ASP A 171 13.56 -19.91 -3.16
C ASP A 171 13.09 -18.79 -4.10
N LYS A 172 13.17 -17.54 -3.66
CA LYS A 172 12.71 -16.42 -4.47
C LYS A 172 13.77 -15.42 -4.94
N ILE A 173 14.72 -15.07 -4.08
CA ILE A 173 15.74 -14.10 -4.45
C ILE A 173 16.91 -14.68 -5.25
N ASP A 174 17.27 -15.93 -4.97
CA ASP A 174 18.37 -16.59 -5.68
C ASP A 174 18.00 -16.87 -7.13
N LYS A 175 18.27 -15.92 -8.03
CA LYS A 175 17.94 -16.13 -9.46
C LYS A 175 18.69 -15.21 -10.40
N ASN A 176 18.57 -15.49 -11.70
CA ASN A 176 19.20 -14.68 -12.74
C ASN A 176 18.22 -13.59 -13.14
N GLU A 177 18.71 -12.54 -13.79
CA GLU A 177 17.81 -11.48 -14.20
C GLU A 177 16.91 -12.01 -15.29
N ASN A 178 15.66 -11.57 -15.30
CA ASN A 178 14.73 -12.02 -16.32
C ASN A 178 15.26 -11.66 -17.69
N GLN A 179 14.93 -12.48 -18.67
CA GLN A 179 15.33 -12.21 -20.03
C GLN A 179 14.21 -11.28 -20.48
N GLN A 180 14.56 -10.21 -21.18
CA GLN A 180 13.53 -9.29 -21.67
C GLN A 180 13.70 -9.01 -23.16
N SER A 181 12.59 -9.02 -23.88
CA SER A 181 12.59 -8.77 -25.32
C SER A 181 13.44 -7.56 -25.66
N PRO A 182 14.37 -7.70 -26.62
CA PRO A 182 15.23 -6.58 -27.00
C PRO A 182 14.42 -5.36 -27.42
N GLY A 183 14.92 -4.17 -27.07
CA GLY A 183 14.24 -2.94 -27.41
C GLY A 183 12.97 -2.71 -26.61
N LEU A 184 12.70 -3.59 -25.64
CA LEU A 184 11.50 -3.50 -24.81
C LEU A 184 11.48 -2.17 -24.05
N HIS A 185 12.63 -1.78 -23.51
CA HIS A 185 12.74 -0.53 -22.76
C HIS A 185 12.64 0.72 -23.62
N ASP A 186 13.08 0.62 -24.87
CA ASP A 186 12.96 1.78 -25.74
C ASP A 186 11.46 1.98 -25.98
N LYS A 187 10.74 0.88 -26.20
CA LYS A 187 9.30 0.94 -26.43
C LYS A 187 8.55 1.48 -25.21
N LEU A 188 8.96 1.04 -24.02
CA LEU A 188 8.30 1.48 -22.79
C LEU A 188 8.50 2.97 -22.61
N LEU A 189 9.72 3.42 -22.84
CA LEU A 189 10.01 4.82 -22.74
C LEU A 189 9.16 5.54 -23.79
N GLU A 190 8.85 4.85 -24.88
CA GLU A 190 8.04 5.43 -25.94
C GLU A 190 6.63 5.64 -25.40
N ILE A 191 6.20 4.71 -24.57
CA ILE A 191 4.88 4.76 -23.95
C ILE A 191 4.85 5.86 -22.87
N PHE A 192 5.94 6.00 -22.12
CA PHE A 192 6.05 7.03 -21.10
C PHE A 192 5.83 8.42 -21.70
N HIS A 193 6.31 8.65 -22.91
CA HIS A 193 6.12 9.95 -23.53
C HIS A 193 4.67 10.24 -23.86
N THR A 194 3.85 9.19 -23.91
CA THR A 194 2.45 9.40 -24.19
C THR A 194 1.67 9.74 -22.92
N ILE A 195 2.32 9.64 -21.76
CA ILE A 195 1.66 9.96 -20.50
C ILE A 195 2.46 10.95 -19.65
N ALA A 196 3.60 11.41 -20.17
CA ALA A 196 4.41 12.36 -19.43
C ALA A 196 3.69 13.67 -19.24
N GLN A 197 3.97 14.38 -18.16
CA GLN A 197 3.34 15.67 -17.96
C GLN A 197 4.36 16.79 -18.24
N PRO A 198 4.20 17.48 -19.38
CA PRO A 198 5.11 18.56 -19.77
C PRO A 198 5.17 19.73 -18.79
N SER A 199 4.05 20.02 -18.13
CA SER A 199 4.01 21.11 -17.17
C SER A 199 4.77 20.85 -15.85
N LEU A 200 5.46 19.73 -15.75
CA LEU A 200 6.22 19.42 -14.54
C LEU A 200 7.61 18.93 -14.90
N ARG A 201 7.91 18.94 -16.19
CA ARG A 201 9.20 18.49 -16.70
C ARG A 201 10.39 19.33 -16.22
N HIS A 202 11.36 18.65 -15.60
CA HIS A 202 12.57 19.30 -15.09
C HIS A 202 12.25 20.36 -14.05
N THR A 203 11.33 20.05 -13.14
CA THR A 203 10.92 21.02 -12.12
C THR A 203 11.06 20.55 -10.68
N TYR A 204 11.14 19.24 -10.47
CA TYR A 204 11.27 18.69 -9.13
C TYR A 204 12.65 18.96 -8.58
N SER A 205 12.74 19.03 -7.26
CA SER A 205 14.00 19.28 -6.56
C SER A 205 13.79 18.77 -5.16
N ASP A 206 14.77 18.97 -4.28
CA ASP A 206 14.66 18.49 -2.90
C ASP A 206 13.75 19.37 -2.00
N VAL A 207 13.34 18.82 -0.87
CA VAL A 207 12.46 19.53 0.06
C VAL A 207 13.19 19.70 1.38
N THR A 208 12.67 20.57 2.24
CA THR A 208 13.28 20.84 3.54
C THR A 208 13.08 19.72 4.56
N TRP A 209 13.93 19.69 5.59
CA TRP A 209 13.85 18.70 6.65
C TRP A 209 12.47 18.73 7.26
N GLU A 210 11.97 19.96 7.42
CA GLU A 210 10.66 20.21 8.00
C GLU A 210 9.62 19.45 7.19
N GLN A 211 9.69 19.57 5.88
CA GLN A 211 8.75 18.89 5.00
C GLN A 211 8.92 17.39 5.11
N LEU A 212 10.17 16.95 5.26
CA LEU A 212 10.49 15.53 5.34
C LEU A 212 10.10 14.88 6.66
N GLU A 213 10.33 15.59 7.75
CA GLU A 213 10.02 15.04 9.08
C GLU A 213 8.53 14.88 9.28
N ALA A 214 7.74 15.45 8.38
CA ALA A 214 6.29 15.32 8.45
C ALA A 214 5.87 14.18 7.54
N GLY A 215 6.83 13.35 7.14
CA GLY A 215 6.55 12.22 6.26
C GLY A 215 7.51 11.05 6.42
N VAL A 216 7.89 10.76 7.65
CA VAL A 216 8.81 9.64 7.95
C VAL A 216 8.51 8.99 9.30
N ASN A 217 8.85 7.71 9.41
CA ASN A 217 8.65 6.93 10.63
C ASN A 217 9.92 6.99 11.48
N ARG A 218 9.86 7.71 12.61
CA ARG A 218 11.02 7.83 13.48
C ARG A 218 11.54 6.47 13.96
N LYS A 219 10.70 5.44 13.87
CA LYS A 219 11.08 4.11 14.30
C LYS A 219 11.72 3.28 13.17
N GLY A 220 12.03 3.94 12.06
CA GLY A 220 12.66 3.24 10.94
C GLY A 220 13.86 2.44 11.40
N ALA A 221 13.87 1.16 11.06
CA ALA A 221 14.95 0.24 11.43
C ALA A 221 16.33 0.78 11.11
N ALA A 222 17.35 0.29 11.78
CA ALA A 222 18.71 0.75 11.47
C ALA A 222 19.35 -0.32 10.60
N GLY A 223 20.10 0.08 9.58
CA GLY A 223 20.73 -0.91 8.72
C GLY A 223 21.60 -1.84 9.54
N PHE A 224 22.11 -2.91 8.91
CA PHE A 224 22.96 -3.87 9.61
C PHE A 224 24.12 -3.17 10.32
N LEU A 225 25.17 -2.85 9.55
CA LEU A 225 26.36 -2.19 10.08
C LEU A 225 26.08 -0.80 10.64
N GLU A 226 24.81 -0.39 10.65
CA GLU A 226 24.47 0.94 11.12
C GLU A 226 24.21 1.02 12.63
N LYS A 227 24.37 2.22 13.16
CA LYS A 227 24.20 2.50 14.58
C LYS A 227 22.80 2.91 15.00
N LYS A 228 22.38 4.09 14.53
CA LYS A 228 21.08 4.66 14.90
C LYS A 228 19.96 4.33 13.93
N ASN A 229 18.74 4.63 14.37
CA ASN A 229 17.53 4.40 13.57
C ASN A 229 17.09 5.75 13.03
N VAL A 230 16.11 5.75 12.14
CA VAL A 230 15.60 6.96 11.53
C VAL A 230 15.50 8.15 12.49
N GLY A 231 14.82 7.97 13.62
CA GLY A 231 14.66 9.06 14.55
C GLY A 231 15.95 9.53 15.19
N GLU A 232 16.85 8.59 15.45
CA GLU A 232 18.12 8.92 16.08
C GLU A 232 19.05 9.67 15.15
N VAL A 233 18.88 9.45 13.84
CA VAL A 233 19.72 10.13 12.86
C VAL A 233 19.21 11.56 12.72
N LEU A 234 17.89 11.73 12.71
CA LEU A 234 17.32 13.07 12.59
C LEU A 234 17.66 13.87 13.84
N ASP A 235 17.84 13.17 14.96
CA ASP A 235 18.17 13.79 16.23
C ASP A 235 19.58 14.37 16.33
N SER A 236 20.56 13.66 15.80
CA SER A 236 21.93 14.14 15.89
C SER A 236 22.82 13.96 14.67
N GLU A 237 22.27 13.48 13.55
CA GLU A 237 23.12 13.26 12.38
C GLU A 237 22.69 13.80 11.01
N LYS A 238 21.82 14.80 10.98
CA LYS A 238 21.37 15.36 9.71
C LYS A 238 22.50 15.83 8.78
N HIS A 239 23.58 16.34 9.37
CA HIS A 239 24.74 16.80 8.60
C HIS A 239 25.37 15.63 7.84
N LEU A 240 25.32 14.45 8.44
CA LEU A 240 25.87 13.25 7.79
C LEU A 240 25.01 12.86 6.58
N VAL A 241 23.69 13.00 6.71
CA VAL A 241 22.81 12.66 5.59
C VAL A 241 22.96 13.72 4.51
N GLU A 242 23.04 14.98 4.93
CA GLU A 242 23.20 16.06 3.97
C GLU A 242 24.49 15.82 3.20
N GLN A 243 25.52 15.32 3.90
CA GLN A 243 26.82 15.02 3.27
C GLN A 243 26.63 13.94 2.19
N LEU A 244 25.92 12.88 2.56
CA LEU A 244 25.61 11.78 1.63
C LEU A 244 24.96 12.37 0.37
N ILE A 245 23.98 13.26 0.57
CA ILE A 245 23.27 13.88 -0.55
C ILE A 245 24.24 14.58 -1.49
N ARG A 246 25.12 15.42 -0.94
CA ARG A 246 26.10 16.14 -1.75
C ARG A 246 27.12 15.20 -2.39
N ASP A 247 27.39 14.08 -1.74
CA ASP A 247 28.32 13.13 -2.31
C ASP A 247 27.61 12.47 -3.49
N LEU A 248 26.38 12.02 -3.30
CA LEU A 248 25.64 11.41 -4.40
C LEU A 248 25.35 12.44 -5.52
N LYS A 249 25.02 13.66 -5.14
CA LYS A 249 24.72 14.71 -6.11
C LYS A 249 25.86 14.99 -7.08
N THR A 250 27.10 14.73 -6.65
CA THR A 250 28.25 14.97 -7.52
C THR A 250 28.69 13.69 -8.22
N GLY A 251 28.16 12.54 -7.80
CA GLY A 251 28.52 11.31 -8.46
C GLY A 251 29.41 10.37 -7.68
N ARG A 252 29.72 10.73 -6.44
CA ARG A 252 30.55 9.89 -5.59
C ARG A 252 29.80 8.65 -5.11
N LYS A 253 30.27 7.47 -5.50
CA LYS A 253 29.66 6.22 -5.08
C LYS A 253 29.80 6.14 -3.56
N ILE A 254 28.95 5.35 -2.91
CA ILE A 254 29.03 5.21 -1.45
C ILE A 254 29.01 3.73 -1.10
N ARG A 255 28.95 3.44 0.20
CA ARG A 255 28.91 2.05 0.64
C ARG A 255 27.47 1.61 0.78
N TYR A 256 26.84 1.39 -0.37
CA TYR A 256 25.45 0.97 -0.41
C TYR A 256 25.33 -0.52 -0.16
N TYR A 257 24.35 -0.88 0.66
CA TYR A 257 24.06 -2.27 0.95
C TYR A 257 22.67 -2.29 1.60
N GLU A 258 22.04 -3.45 1.56
CA GLU A 258 20.72 -3.57 2.16
C GLU A 258 20.75 -4.71 3.19
N THR A 259 19.89 -4.59 4.19
CA THR A 259 19.77 -5.61 5.24
C THR A 259 18.54 -6.46 4.97
N ALA A 260 18.70 -7.78 5.06
CA ALA A 260 17.61 -8.71 4.84
C ALA A 260 17.05 -9.23 6.15
N ILE A 261 15.73 -9.15 6.30
CA ILE A 261 15.06 -9.65 7.50
C ILE A 261 13.74 -10.28 7.11
N PRO A 262 13.21 -11.19 7.95
CA PRO A 262 11.93 -11.88 7.72
C PRO A 262 10.76 -10.96 8.06
N LYS A 263 9.59 -11.25 7.48
CA LYS A 263 8.37 -10.46 7.71
C LYS A 263 8.39 -9.43 8.85
N ASN A 264 8.67 -9.89 10.08
CA ASN A 264 8.68 -9.00 11.25
C ASN A 264 10.10 -8.63 11.70
N PRO A 284 7.01 -16.23 5.27
CA PRO A 284 8.45 -15.91 5.26
C PRO A 284 8.90 -15.09 4.05
N ARG A 285 8.39 -13.87 3.94
CA ARG A 285 8.73 -12.93 2.86
C ARG A 285 10.04 -12.24 3.25
N VAL A 286 10.90 -12.00 2.25
CA VAL A 286 12.19 -11.36 2.54
C VAL A 286 12.12 -9.85 2.36
N ILE A 287 12.35 -9.12 3.45
CA ILE A 287 12.35 -7.66 3.42
C ILE A 287 13.78 -7.15 3.30
N GLN A 288 14.06 -6.37 2.26
CA GLN A 288 15.41 -5.85 2.03
C GLN A 288 15.38 -4.31 1.98
N TYR A 289 16.14 -3.70 2.88
CA TYR A 289 16.17 -2.23 2.96
C TYR A 289 17.56 -1.66 3.23
N PRO A 290 17.77 -0.41 2.80
CA PRO A 290 19.04 0.30 2.97
C PRO A 290 19.07 1.08 4.30
N GLU A 291 20.27 1.48 4.73
CA GLU A 291 20.45 2.22 5.98
C GLU A 291 19.50 3.40 6.17
N ALA A 292 19.20 3.71 7.43
CA ALA A 292 18.31 4.80 7.74
C ALA A 292 18.88 6.11 7.23
N LYS A 293 20.20 6.18 7.16
CA LYS A 293 20.84 7.40 6.66
C LYS A 293 20.65 7.54 5.16
N THR A 294 20.54 6.39 4.48
CA THR A 294 20.37 6.39 3.05
C THR A 294 18.92 6.61 2.68
N ARG A 295 18.01 6.05 3.47
CA ARG A 295 16.59 6.23 3.22
C ARG A 295 16.22 7.69 3.46
N LEU A 296 17.07 8.41 4.19
CA LEU A 296 16.79 9.82 4.50
C LEU A 296 17.33 10.74 3.43
N ALA A 297 18.48 10.38 2.87
CA ALA A 297 19.11 11.14 1.80
C ALA A 297 18.25 11.02 0.55
N ILE A 298 17.86 9.79 0.25
CA ILE A 298 17.04 9.51 -0.92
C ILE A 298 15.69 10.17 -0.83
N THR A 299 15.00 9.98 0.30
CA THR A 299 13.69 10.58 0.48
C THR A 299 13.72 12.09 0.47
N LYS A 300 14.74 12.69 1.08
CA LYS A 300 14.83 14.14 1.11
C LYS A 300 14.83 14.80 -0.26
N VAL A 301 15.60 14.24 -1.18
CA VAL A 301 15.68 14.81 -2.53
C VAL A 301 14.64 14.26 -3.50
N MET A 302 14.35 12.96 -3.40
CA MET A 302 13.38 12.28 -4.26
C MET A 302 11.94 12.34 -3.75
N TYR A 303 11.74 13.07 -2.68
CA TYR A 303 10.45 13.23 -2.00
C TYR A 303 9.18 13.29 -2.84
N ASN A 304 9.13 14.29 -3.70
CA ASN A 304 7.96 14.52 -4.52
C ASN A 304 7.61 13.40 -5.47
N TRP A 305 8.62 12.71 -5.99
CA TRP A 305 8.38 11.58 -6.87
C TRP A 305 8.07 10.36 -6.02
N VAL A 306 8.93 10.08 -5.05
CA VAL A 306 8.77 8.94 -4.19
C VAL A 306 7.44 8.92 -3.41
N LYS A 307 6.94 10.11 -3.07
CA LYS A 307 5.69 10.25 -2.33
C LYS A 307 4.60 10.67 -3.30
N GLN A 308 4.96 10.82 -4.56
CA GLN A 308 4.02 11.24 -5.60
C GLN A 308 3.15 12.40 -5.19
N GLN A 309 3.69 13.52 -4.71
CA GLN A 309 2.76 14.59 -4.31
C GLN A 309 2.03 15.01 -5.54
N PRO A 310 2.76 15.29 -6.61
CA PRO A 310 1.78 15.60 -7.68
C PRO A 310 1.65 14.19 -8.28
N VAL A 311 0.54 13.49 -8.07
CA VAL A 311 0.45 12.15 -8.67
C VAL A 311 0.67 12.27 -10.19
N VAL A 312 1.74 11.66 -10.71
CA VAL A 312 2.05 11.73 -12.14
C VAL A 312 2.04 10.37 -12.82
N ILE A 313 1.76 9.34 -12.03
CA ILE A 313 1.67 7.96 -12.54
C ILE A 313 0.19 7.71 -12.78
N PRO A 314 -0.18 7.42 -14.03
CA PRO A 314 -1.58 7.18 -14.37
C PRO A 314 -2.20 6.06 -13.55
N GLY A 315 -3.31 6.39 -12.88
CA GLY A 315 -4.01 5.40 -12.09
C GLY A 315 -3.43 5.01 -10.74
N TYR A 316 -2.35 5.65 -10.32
CA TYR A 316 -1.76 5.34 -9.02
C TYR A 316 -2.77 5.75 -7.96
N GLU A 317 -3.18 4.79 -7.13
CA GLU A 317 -4.15 5.07 -6.08
C GLU A 317 -3.58 5.06 -4.66
N GLY A 318 -2.25 5.00 -4.56
CA GLY A 318 -1.58 4.97 -3.27
C GLY A 318 -1.90 6.11 -2.34
N LYS A 319 -2.19 7.29 -2.88
CA LYS A 319 -2.52 8.44 -2.06
C LYS A 319 -3.99 8.82 -2.16
N THR A 320 -4.82 7.85 -2.55
CA THR A 320 -6.26 8.07 -2.66
C THR A 320 -6.93 7.50 -1.42
N PRO A 321 -7.73 8.32 -0.72
CA PRO A 321 -8.41 7.83 0.48
C PRO A 321 -9.25 6.62 0.11
N LEU A 322 -9.14 5.58 0.92
CA LEU A 322 -9.85 4.34 0.67
C LEU A 322 -11.37 4.52 0.45
N PHE A 323 -11.96 5.46 1.17
CA PHE A 323 -13.39 5.73 1.08
C PHE A 323 -13.79 6.51 -0.16
N ASN A 324 -12.82 6.76 -1.04
CA ASN A 324 -13.08 7.51 -2.26
C ASN A 324 -12.81 6.70 -3.52
N ILE A 325 -11.86 5.76 -3.40
CA ILE A 325 -11.45 4.95 -4.52
C ILE A 325 -12.51 4.35 -5.42
N PHE A 326 -13.42 3.55 -4.88
CA PHE A 326 -14.42 2.92 -5.74
C PHE A 326 -15.51 3.81 -6.36
N ASN A 327 -15.84 4.94 -5.73
CA ASN A 327 -16.84 5.84 -6.32
C ASN A 327 -16.20 6.48 -7.56
N LYS A 328 -14.89 6.53 -7.53
CA LYS A 328 -14.10 7.08 -8.61
C LYS A 328 -14.00 6.06 -9.75
N VAL A 329 -13.86 4.79 -9.42
CA VAL A 329 -13.74 3.78 -10.46
C VAL A 329 -15.11 3.46 -11.06
N ARG A 330 -16.17 3.76 -10.30
CA ARG A 330 -17.51 3.50 -10.79
C ARG A 330 -17.84 4.52 -11.86
N LYS A 331 -17.36 5.74 -11.68
CA LYS A 331 -17.61 6.81 -12.64
C LYS A 331 -17.00 6.39 -13.95
N GLU A 332 -15.79 5.85 -13.87
CA GLU A 332 -15.12 5.38 -15.06
C GLU A 332 -15.87 4.19 -15.66
N TRP A 333 -16.20 3.21 -14.82
CA TRP A 333 -16.90 2.02 -15.28
C TRP A 333 -18.19 2.33 -16.04
N ASP A 334 -18.81 3.46 -15.75
CA ASP A 334 -20.06 3.81 -16.43
C ASP A 334 -19.89 4.52 -17.79
N LEU A 335 -18.67 4.92 -18.14
CA LEU A 335 -18.43 5.59 -19.42
C LEU A 335 -18.22 4.55 -20.54
N PHE A 336 -18.24 3.28 -20.17
CA PHE A 336 -18.03 2.23 -21.16
C PHE A 336 -19.38 1.60 -21.53
N ASN A 337 -19.46 0.98 -22.72
CA ASN A 337 -20.72 0.34 -23.16
C ASN A 337 -20.86 -0.97 -22.45
N GLU A 338 -19.90 -1.86 -22.66
CA GLU A 338 -19.93 -3.14 -21.98
C GLU A 338 -18.60 -3.29 -21.24
N PRO A 339 -18.49 -2.68 -20.05
CA PRO A 339 -17.37 -2.64 -19.11
C PRO A 339 -16.87 -4.01 -18.69
N VAL A 340 -15.55 -4.13 -18.56
CA VAL A 340 -14.92 -5.36 -18.18
C VAL A 340 -13.61 -4.97 -17.50
N ALA A 341 -13.23 -5.69 -16.45
CA ALA A 341 -11.99 -5.41 -15.72
C ALA A 341 -11.02 -6.58 -15.80
N VAL A 342 -9.78 -6.32 -16.18
CA VAL A 342 -8.75 -7.35 -16.30
C VAL A 342 -7.69 -7.03 -15.25
N SER A 343 -7.38 -7.98 -14.38
CA SER A 343 -6.41 -7.71 -13.33
C SER A 343 -4.98 -8.15 -13.58
N PHE A 344 -4.08 -7.47 -12.88
CA PHE A 344 -2.64 -7.74 -12.97
C PHE A 344 -2.28 -8.70 -11.86
N ASP A 345 -1.74 -9.86 -12.23
CA ASP A 345 -1.38 -10.84 -11.22
C ASP A 345 0.02 -11.45 -11.47
N THR A 346 1.01 -10.58 -11.35
CA THR A 346 2.44 -10.91 -11.52
C THR A 346 2.87 -11.78 -10.34
N LYS A 347 3.98 -12.50 -10.45
CA LYS A 347 4.38 -13.25 -9.29
C LYS A 347 5.69 -12.78 -8.72
N ASN A 348 5.66 -12.45 -7.44
CA ASN A 348 6.85 -11.98 -6.76
C ASN A 348 7.54 -10.94 -7.63
N TRP A 349 6.77 -9.91 -7.97
CA TRP A 349 7.18 -8.78 -8.77
C TRP A 349 8.58 -8.29 -8.42
N ASP A 350 8.82 -8.04 -7.14
CA ASP A 350 10.10 -7.56 -6.67
C ASP A 350 11.28 -8.32 -7.26
N THR A 351 11.16 -9.64 -7.36
CA THR A 351 12.24 -10.44 -7.92
C THR A 351 12.32 -10.34 -9.43
N GLN A 352 11.24 -9.89 -10.06
CA GLN A 352 11.20 -9.75 -11.51
C GLN A 352 11.70 -8.38 -11.97
N VAL A 353 12.01 -7.48 -11.05
CA VAL A 353 12.53 -6.19 -11.48
C VAL A 353 13.93 -6.41 -12.00
N THR A 354 14.16 -5.92 -13.21
CA THR A 354 15.43 -6.03 -13.92
C THR A 354 16.28 -4.78 -13.83
N SER A 355 17.59 -4.94 -14.04
CA SER A 355 18.52 -3.81 -14.03
C SER A 355 18.04 -2.78 -15.04
N ARG A 356 17.63 -3.29 -16.19
CA ARG A 356 17.15 -2.44 -17.26
C ARG A 356 15.86 -1.78 -16.87
N ASP A 357 15.12 -2.42 -15.97
CA ASP A 357 13.86 -1.84 -15.50
C ASP A 357 14.21 -0.62 -14.64
N LEU A 358 15.28 -0.76 -13.84
CA LEU A 358 15.73 0.33 -12.95
C LEU A 358 16.28 1.51 -13.75
N ARG A 359 17.06 1.22 -14.77
CA ARG A 359 17.63 2.25 -15.63
C ARG A 359 16.48 3.07 -16.22
N LEU A 360 15.41 2.38 -16.62
CA LEU A 360 14.24 3.03 -17.20
C LEU A 360 13.69 4.05 -16.22
N ILE A 361 13.33 3.56 -15.03
CA ILE A 361 12.75 4.42 -14.02
C ILE A 361 13.64 5.62 -13.69
N GLY A 362 14.96 5.46 -13.78
CA GLY A 362 15.85 6.56 -13.51
C GLY A 362 15.71 7.62 -14.59
N GLU A 363 15.50 7.15 -15.82
CA GLU A 363 15.33 8.05 -16.96
C GLU A 363 14.05 8.83 -16.78
N ILE A 364 13.01 8.17 -16.28
CA ILE A 364 11.73 8.85 -16.09
C ILE A 364 11.85 9.90 -14.98
N GLN A 365 12.58 9.55 -13.92
CA GLN A 365 12.77 10.47 -12.82
C GLN A 365 13.56 11.70 -13.30
N LYS A 366 14.46 11.49 -14.24
CA LYS A 366 15.24 12.59 -14.78
C LYS A 366 14.38 13.50 -15.68
N TYR A 367 13.22 13.00 -16.10
CA TYR A 367 12.31 13.80 -16.90
C TYR A 367 11.73 14.86 -15.99
N TYR A 368 11.36 14.45 -14.77
CA TYR A 368 10.79 15.38 -13.78
C TYR A 368 11.74 16.20 -12.92
N TYR A 369 12.93 15.69 -12.60
CA TYR A 369 13.85 16.47 -11.76
C TYR A 369 14.72 17.48 -12.50
N ARG A 370 15.20 18.48 -11.76
CA ARG A 370 16.10 19.48 -12.34
C ARG A 370 17.44 18.81 -12.62
N LYS A 371 17.98 19.15 -13.78
CA LYS A 371 19.26 18.65 -14.28
C LYS A 371 20.35 18.58 -13.19
N GLU A 372 20.28 19.50 -12.23
CA GLU A 372 21.22 19.57 -11.13
C GLU A 372 21.16 18.29 -10.31
N TRP A 373 20.10 17.50 -10.47
CA TRP A 373 19.94 16.26 -9.72
C TRP A 373 20.08 14.98 -10.55
N HIS A 374 20.36 15.13 -11.84
CA HIS A 374 20.50 13.97 -12.71
C HIS A 374 21.63 13.03 -12.35
N LYS A 375 22.75 13.59 -11.90
CA LYS A 375 23.90 12.76 -11.50
C LYS A 375 23.56 11.93 -10.25
N PHE A 376 22.88 12.56 -9.29
CA PHE A 376 22.45 11.88 -8.06
C PHE A 376 21.60 10.66 -8.46
N ILE A 377 20.66 10.86 -9.38
CA ILE A 377 19.78 9.80 -9.85
C ILE A 377 20.58 8.71 -10.55
N ASP A 378 21.43 9.11 -11.49
CA ASP A 378 22.24 8.14 -12.21
C ASP A 378 23.09 7.35 -11.20
N THR A 379 23.72 8.04 -10.26
CA THR A 379 24.56 7.38 -9.27
C THR A 379 23.81 6.35 -8.43
N ILE A 380 22.76 6.81 -7.76
CA ILE A 380 21.95 5.96 -6.90
C ILE A 380 21.37 4.78 -7.68
N THR A 381 20.98 5.02 -8.92
CA THR A 381 20.43 3.95 -9.75
C THR A 381 21.54 2.93 -10.02
N ASP A 382 22.78 3.43 -10.16
CA ASP A 382 23.92 2.56 -10.41
C ASP A 382 24.18 1.61 -9.24
N HIS A 383 23.95 2.07 -8.03
CA HIS A 383 24.13 1.22 -6.86
C HIS A 383 23.07 0.12 -6.82
N MET A 384 21.86 0.47 -7.26
CA MET A 384 20.70 -0.43 -7.25
C MET A 384 20.73 -1.59 -8.24
N VAL A 385 21.55 -1.45 -9.27
CA VAL A 385 21.72 -2.46 -10.31
C VAL A 385 22.42 -3.71 -9.79
N GLU A 386 23.21 -3.56 -8.72
CA GLU A 386 23.95 -4.67 -8.09
C GLU A 386 24.09 -4.30 -6.63
N VAL A 387 23.31 -4.95 -5.76
CA VAL A 387 23.32 -4.61 -4.34
C VAL A 387 23.86 -5.65 -3.34
N PRO A 388 24.75 -5.22 -2.43
CA PRO A 388 25.31 -6.13 -1.42
C PRO A 388 24.25 -6.25 -0.32
N VAL A 389 23.79 -7.47 -0.07
CA VAL A 389 22.78 -7.67 0.97
C VAL A 389 23.35 -8.44 2.14
N ILE A 390 22.95 -8.05 3.35
CA ILE A 390 23.42 -8.72 4.55
C ILE A 390 22.21 -9.17 5.37
N THR A 391 22.03 -10.47 5.46
CA THR A 391 20.92 -11.06 6.21
C THR A 391 21.07 -10.77 7.70
N ALA A 392 19.94 -10.58 8.38
CA ALA A 392 19.93 -10.30 9.82
C ALA A 392 20.83 -11.25 10.61
N ASP A 393 21.08 -12.42 10.06
CA ASP A 393 21.94 -13.38 10.73
C ASP A 393 23.35 -13.33 10.15
N GLY A 394 23.72 -12.17 9.59
CA GLY A 394 25.04 -11.98 9.04
C GLY A 394 25.44 -12.58 7.70
N GLU A 395 24.62 -13.44 7.12
CA GLU A 395 24.95 -14.02 5.82
C GLU A 395 24.98 -12.94 4.75
N VAL A 396 25.93 -13.03 3.82
CA VAL A 396 26.08 -12.03 2.78
C VAL A 396 25.99 -12.52 1.34
N TYR A 397 25.05 -11.95 0.59
CA TYR A 397 24.87 -12.30 -0.81
C TYR A 397 24.81 -11.04 -1.66
N ILE A 398 25.12 -11.19 -2.95
CA ILE A 398 25.11 -10.05 -3.88
C ILE A 398 23.91 -10.19 -4.82
N ARG A 399 22.87 -9.42 -4.56
CA ARG A 399 21.65 -9.47 -5.38
C ARG A 399 21.90 -8.81 -6.72
N ASN A 400 21.36 -9.41 -7.76
CA ASN A 400 21.55 -8.86 -9.09
C ASN A 400 20.25 -8.33 -9.68
N GLY A 401 20.08 -7.01 -9.61
CA GLY A 401 18.91 -6.34 -10.14
C GLY A 401 17.53 -6.87 -9.79
N GLN A 402 17.02 -6.43 -8.65
CA GLN A 402 15.68 -6.80 -8.20
C GLN A 402 15.20 -5.60 -7.38
N ARG A 403 14.11 -5.77 -6.64
CA ARG A 403 13.60 -4.68 -5.82
C ARG A 403 13.56 -5.03 -4.33
N GLY A 404 14.14 -4.16 -3.51
CA GLY A 404 14.11 -4.36 -2.07
C GLY A 404 12.95 -3.52 -1.52
N SER A 405 12.01 -4.17 -0.84
CA SER A 405 10.85 -3.47 -0.28
C SER A 405 11.14 -2.20 0.55
N GLY A 406 12.31 -2.17 1.20
CA GLY A 406 12.67 -1.02 2.01
C GLY A 406 13.05 0.20 1.20
N GLN A 407 13.44 -0.01 -0.05
CA GLN A 407 13.78 1.10 -0.93
C GLN A 407 12.63 2.09 -0.94
N PRO A 408 12.91 3.38 -0.72
CA PRO A 408 11.92 4.47 -0.70
C PRO A 408 11.14 4.59 -2.01
N ASP A 409 11.77 4.18 -3.10
CA ASP A 409 11.17 4.24 -4.44
C ASP A 409 10.38 2.98 -4.82
N THR A 410 10.21 2.07 -3.87
CA THR A 410 9.51 0.81 -4.13
C THR A 410 8.10 1.02 -4.71
N SER A 411 7.30 1.78 -3.97
CA SER A 411 5.93 2.06 -4.32
C SER A 411 5.77 2.79 -5.65
N ALA A 412 6.37 3.97 -5.78
CA ALA A 412 6.27 4.77 -7.00
C ALA A 412 6.99 4.08 -8.16
N GLY A 413 8.17 3.53 -7.88
CA GLY A 413 8.90 2.84 -8.92
C GLY A 413 8.13 1.64 -9.47
N ASN A 414 7.59 0.79 -8.61
CA ASN A 414 6.86 -0.36 -9.12
C ASN A 414 5.56 0.03 -9.83
N SER A 415 4.93 1.10 -9.36
CA SER A 415 3.66 1.54 -9.90
C SER A 415 3.78 1.99 -11.35
N MET A 416 4.77 2.84 -11.61
CA MET A 416 5.01 3.36 -12.94
C MET A 416 5.47 2.21 -13.84
N LEU A 417 6.36 1.36 -13.31
CA LEU A 417 6.85 0.24 -14.11
C LEU A 417 5.71 -0.77 -14.40
N ASN A 418 4.71 -0.83 -13.52
CA ASN A 418 3.61 -1.75 -13.75
C ASN A 418 2.62 -1.20 -14.75
N VAL A 419 2.51 0.12 -14.80
CA VAL A 419 1.59 0.75 -15.73
C VAL A 419 2.16 0.72 -17.15
N LEU A 420 3.43 1.07 -17.26
CA LEU A 420 4.09 1.07 -18.55
C LEU A 420 4.05 -0.33 -19.14
N THR A 421 4.37 -1.31 -18.33
CA THR A 421 4.37 -2.71 -18.76
C THR A 421 2.98 -3.23 -19.14
N MET A 422 1.94 -2.80 -18.43
CA MET A 422 0.61 -3.24 -18.76
C MET A 422 0.09 -2.54 -20.02
N MET A 423 0.37 -1.24 -20.15
CA MET A 423 -0.04 -0.45 -21.33
C MET A 423 0.59 -1.09 -22.54
N TYR A 424 1.84 -1.46 -22.39
CA TYR A 424 2.56 -2.13 -23.46
C TYR A 424 1.84 -3.45 -23.78
N ALA A 425 1.63 -4.29 -22.78
CA ALA A 425 1.00 -5.58 -23.02
C ALA A 425 -0.39 -5.46 -23.63
N PHE A 426 -1.17 -4.50 -23.14
CA PHE A 426 -2.51 -4.30 -23.64
C PHE A 426 -2.50 -3.99 -25.13
N CYS A 427 -1.75 -2.96 -25.52
CA CYS A 427 -1.68 -2.57 -26.92
C CYS A 427 -1.09 -3.66 -27.78
N GLU A 428 -0.11 -4.33 -27.24
CA GLU A 428 0.54 -5.39 -27.97
C GLU A 428 -0.41 -6.60 -28.14
N SER A 429 -1.52 -6.62 -27.40
CA SER A 429 -2.47 -7.73 -27.48
C SER A 429 -3.71 -7.44 -28.36
N THR A 430 -4.19 -6.20 -28.30
CA THR A 430 -5.37 -5.80 -29.02
C THR A 430 -5.05 -5.20 -30.39
N GLY A 431 -3.90 -4.58 -30.50
CA GLY A 431 -3.54 -3.96 -31.76
C GLY A 431 -3.71 -2.46 -31.64
N VAL A 432 -4.18 -1.97 -30.50
CA VAL A 432 -4.34 -0.54 -30.30
C VAL A 432 -2.95 0.11 -30.34
N PRO A 433 -2.82 1.26 -31.00
CA PRO A 433 -1.50 1.91 -31.07
C PRO A 433 -1.11 2.43 -29.69
N TYR A 434 0.04 2.02 -29.14
CA TYR A 434 0.38 2.61 -27.84
C TYR A 434 0.65 4.04 -28.16
N LYS A 435 0.55 4.32 -29.44
CA LYS A 435 0.76 5.66 -29.91
C LYS A 435 -0.20 6.52 -29.12
N SER A 436 -1.45 6.09 -29.03
CA SER A 436 -2.41 6.84 -28.27
C SER A 436 -3.80 6.24 -28.15
N PHE A 437 -3.98 5.38 -27.16
CA PHE A 437 -5.31 4.93 -26.90
C PHE A 437 -5.46 6.13 -25.96
N ASN A 438 -6.36 7.05 -26.28
CA ASN A 438 -6.48 8.21 -25.42
C ASN A 438 -6.88 7.65 -24.07
N ASN A 439 -8.18 7.55 -23.84
CA ASN A 439 -8.73 7.01 -22.61
C ASN A 439 -10.17 6.70 -22.93
N ARG A 440 -10.85 5.94 -22.09
CA ARG A 440 -12.23 5.56 -22.37
C ARG A 440 -12.09 4.43 -23.39
N VAL A 441 -10.84 4.01 -23.59
CA VAL A 441 -10.51 2.88 -24.44
C VAL A 441 -10.04 1.88 -23.40
N ALA A 442 -9.35 2.38 -22.39
CA ALA A 442 -8.85 1.56 -21.30
C ALA A 442 -8.44 2.47 -20.13
N ARG A 443 -8.86 2.11 -18.92
CA ARG A 443 -8.49 2.88 -17.73
C ARG A 443 -7.73 1.91 -16.81
N ILE A 444 -6.52 2.31 -16.41
CA ILE A 444 -5.65 1.49 -15.57
C ILE A 444 -5.51 2.05 -14.18
N HIS A 445 -5.56 1.19 -13.17
CA HIS A 445 -5.40 1.62 -11.77
C HIS A 445 -4.36 0.71 -11.11
N VAL A 446 -3.35 1.30 -10.49
CA VAL A 446 -2.33 0.50 -9.84
C VAL A 446 -1.98 0.97 -8.45
N CYS A 447 -1.38 0.06 -7.70
CA CYS A 447 -0.89 0.34 -6.37
C CYS A 447 0.23 -0.67 -6.20
N GLY A 448 1.41 -0.32 -6.67
CA GLY A 448 2.52 -1.23 -6.60
C GLY A 448 2.27 -2.20 -7.74
N ASP A 449 2.27 -3.50 -7.46
CA ASP A 449 2.03 -4.47 -8.50
C ASP A 449 0.54 -4.85 -8.64
N ASP A 450 -0.25 -4.57 -7.60
CA ASP A 450 -1.68 -4.84 -7.64
C ASP A 450 -2.34 -3.84 -8.60
N GLY A 451 -3.33 -4.30 -9.34
CA GLY A 451 -3.99 -3.39 -10.26
C GLY A 451 -4.89 -4.06 -11.29
N PHE A 452 -5.63 -3.27 -12.02
CA PHE A 452 -6.49 -3.83 -13.03
C PHE A 452 -6.67 -2.80 -14.13
N LEU A 453 -7.37 -3.20 -15.18
CA LEU A 453 -7.63 -2.33 -16.32
C LEU A 453 -9.08 -2.53 -16.79
N ILE A 454 -9.79 -1.43 -17.01
CA ILE A 454 -11.18 -1.45 -17.46
C ILE A 454 -11.17 -1.15 -18.94
N THR A 455 -12.10 -1.74 -19.69
CA THR A 455 -12.18 -1.51 -21.13
C THR A 455 -13.41 -2.26 -21.70
N GLU A 456 -13.71 -2.03 -22.99
CA GLU A 456 -14.84 -2.71 -23.63
C GLU A 456 -14.58 -4.22 -23.68
N LYS A 457 -15.64 -5.02 -23.53
CA LYS A 457 -15.52 -6.47 -23.50
C LYS A 457 -14.66 -7.13 -24.60
N GLY A 458 -14.86 -6.74 -25.85
CA GLY A 458 -14.08 -7.32 -26.94
C GLY A 458 -12.58 -7.16 -26.76
N LEU A 459 -12.12 -5.95 -26.45
CA LEU A 459 -10.69 -5.69 -26.24
C LEU A 459 -10.16 -6.26 -24.91
N GLY A 460 -11.01 -6.29 -23.88
CA GLY A 460 -10.59 -6.82 -22.59
C GLY A 460 -10.33 -8.31 -22.62
N LEU A 461 -11.14 -9.04 -23.37
CA LEU A 461 -11.00 -10.49 -23.51
C LEU A 461 -9.81 -10.82 -24.41
N LYS A 462 -9.46 -9.89 -25.27
CA LYS A 462 -8.34 -10.07 -26.19
C LYS A 462 -7.05 -9.92 -25.40
N PHE A 463 -7.05 -8.94 -24.51
CA PHE A 463 -5.90 -8.67 -23.67
C PHE A 463 -5.80 -9.83 -22.68
N ALA A 464 -6.96 -10.35 -22.31
CA ALA A 464 -7.02 -11.46 -21.37
C ALA A 464 -6.45 -12.71 -22.02
N ASN A 465 -6.63 -12.82 -23.33
CA ASN A 465 -6.12 -13.98 -24.04
C ASN A 465 -4.66 -13.88 -24.49
N ASN A 466 -4.21 -12.69 -24.85
CA ASN A 466 -2.85 -12.52 -25.33
C ASN A 466 -1.86 -11.93 -24.31
N GLY A 467 -2.39 -11.37 -23.23
CA GLY A 467 -1.55 -10.75 -22.21
C GLY A 467 -0.37 -11.48 -21.61
N MET A 468 -0.62 -12.66 -21.06
CA MET A 468 0.41 -13.44 -20.40
C MET A 468 1.69 -13.74 -21.15
N GLN A 469 1.58 -14.28 -22.36
CA GLN A 469 2.77 -14.62 -23.13
C GLN A 469 3.62 -13.38 -23.31
N ILE A 470 2.96 -12.24 -23.54
CA ILE A 470 3.65 -10.97 -23.74
C ILE A 470 4.31 -10.49 -22.45
N LEU A 471 3.57 -10.58 -21.35
CA LEU A 471 4.12 -10.14 -20.08
C LEU A 471 5.33 -11.02 -19.75
N HIS A 472 5.19 -12.31 -19.99
CA HIS A 472 6.26 -13.26 -19.73
C HIS A 472 7.50 -12.88 -20.52
N GLU A 473 7.33 -12.62 -21.82
CA GLU A 473 8.48 -12.25 -22.65
C GLU A 473 9.02 -10.88 -22.20
N ALA A 474 8.18 -10.08 -21.55
CA ALA A 474 8.61 -8.77 -21.07
C ALA A 474 9.30 -8.82 -19.68
N GLY A 475 9.29 -10.01 -19.06
CA GLY A 475 9.93 -10.19 -17.78
C GLY A 475 9.09 -9.96 -16.53
N LYS A 476 7.78 -10.09 -16.66
CA LYS A 476 6.84 -9.92 -15.55
C LYS A 476 5.85 -11.09 -15.63
N PRO A 477 6.35 -12.31 -15.38
CA PRO A 477 5.60 -13.59 -15.41
C PRO A 477 4.37 -13.53 -14.52
N GLN A 478 3.20 -13.77 -15.11
CA GLN A 478 1.96 -13.76 -14.35
C GLN A 478 1.82 -15.11 -13.66
N LYS A 479 1.00 -15.17 -12.63
CA LYS A 479 0.80 -16.42 -11.90
C LYS A 479 0.07 -17.43 -12.80
N ILE A 480 0.48 -18.69 -12.68
CA ILE A 480 -0.11 -19.76 -13.47
C ILE A 480 -1.65 -19.74 -13.45
N THR A 481 -2.26 -20.04 -14.59
CA THR A 481 -3.71 -20.06 -14.72
C THR A 481 -4.24 -21.03 -15.80
N GLU A 482 -5.47 -21.52 -15.63
CA GLU A 482 -6.07 -22.47 -16.58
C GLU A 482 -6.32 -21.82 -17.94
N GLY A 483 -5.76 -22.42 -19.00
CA GLY A 483 -5.91 -21.85 -20.32
C GLY A 483 -5.03 -20.59 -20.49
N GLU A 484 -4.27 -20.28 -19.44
CA GLU A 484 -3.35 -19.14 -19.42
C GLU A 484 -4.01 -17.81 -19.79
N ARG A 485 -5.07 -17.47 -19.06
CA ARG A 485 -5.80 -16.24 -19.30
C ARG A 485 -5.72 -15.38 -18.05
N MET A 486 -5.78 -14.06 -18.23
CA MET A 486 -5.73 -13.16 -17.09
C MET A 486 -7.12 -13.16 -16.46
N LYS A 487 -7.24 -12.99 -15.15
CA LYS A 487 -8.58 -13.00 -14.59
C LYS A 487 -9.39 -11.78 -14.97
N VAL A 488 -10.64 -12.03 -15.31
CA VAL A 488 -11.56 -10.98 -15.75
C VAL A 488 -12.81 -10.84 -14.89
N ALA A 489 -13.15 -9.60 -14.55
CA ALA A 489 -14.36 -9.34 -13.76
C ALA A 489 -15.41 -8.76 -14.72
N TYR A 490 -16.60 -9.37 -14.72
CA TYR A 490 -17.70 -8.92 -15.58
C TYR A 490 -18.65 -8.00 -14.83
N ARG A 491 -18.62 -8.06 -13.51
CA ARG A 491 -19.46 -7.21 -12.70
C ARG A 491 -18.55 -6.29 -11.90
N PHE A 492 -18.96 -5.03 -11.77
CA PHE A 492 -18.18 -4.06 -11.04
C PHE A 492 -17.97 -4.54 -9.60
N GLU A 493 -19.04 -5.02 -8.97
CA GLU A 493 -18.99 -5.52 -7.60
C GLU A 493 -17.90 -6.56 -7.40
N ASP A 494 -17.47 -7.19 -8.48
CA ASP A 494 -16.45 -8.22 -8.39
C ASP A 494 -15.00 -7.76 -8.46
N ILE A 495 -14.75 -6.51 -8.84
CA ILE A 495 -13.39 -6.02 -8.92
C ILE A 495 -12.66 -6.22 -7.59
N GLU A 496 -11.35 -6.47 -7.65
CA GLU A 496 -10.52 -6.63 -6.45
C GLU A 496 -9.35 -5.68 -6.55
N PHE A 497 -9.14 -4.89 -5.52
CA PHE A 497 -8.07 -3.91 -5.62
C PHE A 497 -7.63 -3.49 -4.24
N CYS A 498 -6.32 -3.42 -4.04
CA CYS A 498 -5.73 -3.03 -2.76
C CYS A 498 -6.31 -3.78 -1.58
N SER A 499 -6.46 -5.11 -1.70
CA SER A 499 -7.00 -5.92 -0.62
C SER A 499 -8.45 -5.56 -0.33
N HIS A 500 -9.10 -4.87 -1.25
CA HIS A 500 -10.48 -4.46 -1.06
C HIS A 500 -11.37 -4.76 -2.26
N THR A 501 -12.66 -4.53 -2.10
CA THR A 501 -13.62 -4.76 -3.17
C THR A 501 -14.74 -3.78 -2.94
N PRO A 502 -15.45 -3.39 -4.01
CA PRO A 502 -16.55 -2.43 -3.84
C PRO A 502 -17.76 -2.97 -3.07
N VAL A 503 -18.33 -2.14 -2.22
CA VAL A 503 -19.54 -2.47 -1.45
C VAL A 503 -20.48 -1.31 -1.76
N PRO A 504 -21.70 -1.62 -2.26
CA PRO A 504 -22.75 -0.67 -2.63
C PRO A 504 -23.53 -0.17 -1.43
N VAL A 505 -23.80 1.12 -1.38
CA VAL A 505 -24.57 1.65 -0.26
C VAL A 505 -25.70 2.54 -0.74
N ARG A 506 -26.79 2.56 0.02
CA ARG A 506 -27.91 3.41 -0.33
C ARG A 506 -28.20 4.38 0.81
N TRP A 507 -28.31 5.66 0.47
CA TRP A 507 -28.60 6.69 1.46
C TRP A 507 -30.12 6.97 1.60
N SER A 508 -30.49 7.66 2.67
CA SER A 508 -31.87 8.00 2.97
C SER A 508 -32.61 8.70 1.82
N ASP A 509 -31.90 9.49 1.01
CA ASP A 509 -32.55 10.18 -0.13
C ASP A 509 -32.61 9.27 -1.36
N ASN A 510 -32.30 7.99 -1.16
CA ASN A 510 -32.32 6.97 -2.20
C ASN A 510 -31.21 6.93 -3.27
N THR A 511 -30.21 7.81 -3.14
CA THR A 511 -29.10 7.79 -4.08
C THR A 511 -28.21 6.60 -3.65
N SER A 512 -27.38 6.11 -4.58
CA SER A 512 -26.47 4.98 -4.29
C SER A 512 -25.04 5.50 -4.26
N SER A 513 -24.11 4.65 -3.87
CA SER A 513 -22.69 5.01 -3.82
C SER A 513 -21.86 3.79 -3.42
N TYR A 514 -20.55 3.89 -3.55
CA TYR A 514 -19.68 2.77 -3.17
C TYR A 514 -18.77 3.15 -2.01
N MET A 515 -18.30 2.12 -1.31
CA MET A 515 -17.38 2.20 -0.17
C MET A 515 -16.43 1.02 -0.36
N ALA A 516 -15.35 0.95 0.43
CA ALA A 516 -14.37 -0.13 0.30
C ALA A 516 -14.68 -1.31 1.22
N GLY A 517 -14.89 -2.48 0.62
CA GLY A 517 -15.22 -3.65 1.41
C GLY A 517 -14.07 -4.60 1.61
N ARG A 518 -14.08 -5.27 2.76
CA ARG A 518 -13.06 -6.23 3.14
C ARG A 518 -13.79 -7.32 3.94
N ASP A 519 -13.14 -8.44 4.18
CA ASP A 519 -13.76 -9.48 4.98
C ASP A 519 -13.81 -8.98 6.42
N THR A 520 -15.01 -8.87 6.99
CA THR A 520 -15.19 -8.38 8.35
C THR A 520 -14.24 -9.00 9.38
N ALA A 521 -13.98 -10.29 9.25
CA ALA A 521 -13.09 -10.96 10.17
C ALA A 521 -11.79 -10.17 10.24
N VAL A 522 -11.21 -9.89 9.08
CA VAL A 522 -9.96 -9.13 9.05
C VAL A 522 -10.15 -7.73 9.60
N ILE A 523 -11.24 -7.07 9.23
CA ILE A 523 -11.47 -5.72 9.73
C ILE A 523 -11.42 -5.72 11.26
N LEU A 524 -12.05 -6.72 11.88
CA LEU A 524 -12.06 -6.82 13.34
C LEU A 524 -10.64 -7.01 13.88
N SER A 525 -9.90 -7.95 13.28
CA SER A 525 -8.54 -8.24 13.68
C SER A 525 -7.65 -7.00 13.70
N LYS A 526 -7.53 -6.34 12.55
CA LYS A 526 -6.70 -5.14 12.45
C LYS A 526 -7.17 -4.06 13.45
N MET A 527 -8.46 -4.03 13.72
CA MET A 527 -9.05 -3.03 14.61
C MET A 527 -8.78 -3.20 16.12
N ALA A 528 -8.40 -4.41 16.52
CA ALA A 528 -8.10 -4.76 17.93
C ALA A 528 -6.59 -4.89 18.15
N THR A 529 -5.94 -5.76 17.38
CA THR A 529 -4.50 -5.93 17.49
C THR A 529 -3.84 -4.76 16.77
N ARG A 530 -3.71 -3.67 17.52
CA ARG A 530 -3.08 -2.44 17.05
C ARG A 530 -1.70 -2.40 17.69
N LEU A 531 -0.83 -3.24 17.14
CA LEU A 531 0.55 -3.40 17.55
C LEU A 531 1.31 -2.08 17.45
N GLY A 538 -1.38 2.29 24.89
CA GLY A 538 -2.66 2.42 24.22
C GLY A 538 -3.64 3.23 25.04
N THR A 539 -3.74 4.51 24.74
CA THR A 539 -4.65 5.41 25.45
C THR A 539 -6.01 5.43 24.77
N ILE A 540 -7.00 6.02 25.44
CA ILE A 540 -8.34 6.12 24.87
C ILE A 540 -8.34 7.22 23.83
N ALA A 541 -7.50 8.23 24.04
CA ALA A 541 -7.39 9.33 23.09
C ALA A 541 -6.77 8.79 21.81
N TYR A 542 -6.34 7.53 21.85
CA TYR A 542 -5.74 6.88 20.70
C TYR A 542 -6.72 5.90 20.10
N GLU A 543 -7.50 5.26 20.96
CA GLU A 543 -8.49 4.28 20.52
C GLU A 543 -9.71 4.93 19.92
N LYS A 544 -9.86 6.23 20.14
CA LYS A 544 -10.99 6.96 19.58
C LYS A 544 -10.60 7.40 18.17
N ALA A 545 -9.29 7.39 17.91
CA ALA A 545 -8.75 7.77 16.60
C ALA A 545 -8.74 6.54 15.70
N VAL A 546 -8.51 5.38 16.31
CA VAL A 546 -8.51 4.14 15.56
C VAL A 546 -9.97 3.86 15.14
N ALA A 547 -10.89 4.16 16.06
CA ALA A 547 -12.31 3.96 15.83
C ALA A 547 -12.85 4.90 14.76
N PHE A 548 -12.37 6.15 14.77
CA PHE A 548 -12.82 7.14 13.81
C PHE A 548 -12.33 6.75 12.43
N SER A 549 -11.04 6.40 12.35
CA SER A 549 -10.43 5.98 11.09
C SER A 549 -11.22 4.84 10.46
N PHE A 550 -11.53 3.83 11.26
CA PHE A 550 -12.29 2.69 10.78
C PHE A 550 -13.74 3.05 10.42
N LEU A 551 -14.32 3.98 11.16
CA LEU A 551 -15.68 4.42 10.92
C LEU A 551 -15.71 5.12 9.56
N LEU A 552 -14.58 5.69 9.16
CA LEU A 552 -14.49 6.40 7.87
C LEU A 552 -14.35 5.42 6.73
N MET A 553 -13.77 4.26 6.99
CA MET A 553 -13.57 3.27 5.94
C MET A 553 -14.65 2.18 5.89
N TYR A 554 -15.25 1.87 7.04
CA TYR A 554 -16.24 0.78 7.07
C TYR A 554 -17.62 0.99 7.69
N SER A 555 -18.15 2.22 7.67
CA SER A 555 -19.48 2.44 8.25
C SER A 555 -20.56 1.66 7.50
N TRP A 556 -20.19 0.97 6.42
CA TRP A 556 -21.14 0.17 5.64
C TRP A 556 -21.35 -1.17 6.34
N ASN A 557 -20.52 -1.45 7.34
CA ASN A 557 -20.61 -2.71 8.10
C ASN A 557 -21.11 -2.37 9.50
N PRO A 558 -22.40 -2.62 9.78
CA PRO A 558 -23.08 -2.34 11.06
C PRO A 558 -22.42 -2.91 12.33
N LEU A 559 -21.65 -3.98 12.18
CA LEU A 559 -21.00 -4.53 13.34
C LEU A 559 -19.91 -3.52 13.67
N VAL A 560 -19.02 -3.34 12.70
CA VAL A 560 -17.90 -2.40 12.85
C VAL A 560 -18.43 -1.02 13.16
N ARG A 561 -19.37 -0.53 12.36
CA ARG A 561 -19.94 0.80 12.59
C ARG A 561 -20.32 1.03 14.06
N ARG A 562 -20.99 0.05 14.65
CA ARG A 562 -21.42 0.19 16.04
C ARG A 562 -20.29 0.11 17.05
N ILE A 563 -19.36 -0.83 16.86
CA ILE A 563 -18.23 -0.93 17.76
C ILE A 563 -17.58 0.44 17.85
N CYS A 564 -17.39 1.06 16.70
CA CYS A 564 -16.76 2.38 16.60
C CYS A 564 -17.52 3.46 17.34
N LEU A 565 -18.83 3.46 17.22
CA LEU A 565 -19.63 4.46 17.89
C LEU A 565 -19.52 4.33 19.41
N LEU A 566 -19.39 3.10 19.90
CA LEU A 566 -19.26 2.85 21.33
C LEU A 566 -17.90 3.36 21.85
N VAL A 567 -16.84 3.10 21.11
CA VAL A 567 -15.50 3.55 21.48
C VAL A 567 -15.45 5.08 21.44
N LEU A 568 -16.19 5.67 20.52
CA LEU A 568 -16.21 7.11 20.39
C LEU A 568 -17.18 7.80 21.36
N SER A 569 -17.90 7.00 22.14
CA SER A 569 -18.86 7.54 23.10
C SER A 569 -18.21 7.85 24.45
N GLN A 570 -17.06 7.23 24.71
CA GLN A 570 -16.35 7.38 25.97
C GLN A 570 -15.33 8.52 26.06
N GLN A 571 -15.43 9.32 27.13
CA GLN A 571 -14.53 10.43 27.38
C GLN A 571 -14.52 11.54 26.33
N PRO A 572 -15.69 12.15 26.07
CA PRO A 572 -15.77 13.23 25.07
C PRO A 572 -14.76 14.33 25.34
N GLU A 573 -14.33 14.45 26.58
CA GLU A 573 -13.36 15.47 26.98
C GLU A 573 -11.96 15.19 26.46
N THR A 574 -11.75 13.97 25.98
CA THR A 574 -10.46 13.53 25.47
C THR A 574 -10.34 13.68 23.94
N THR A 575 -9.59 14.68 23.49
CA THR A 575 -9.41 14.87 22.06
C THR A 575 -8.68 13.65 21.50
N PRO A 576 -9.12 13.13 20.35
CA PRO A 576 -8.47 11.97 19.76
C PRO A 576 -6.98 12.19 19.50
N SER A 577 -6.27 11.09 19.29
CA SER A 577 -4.85 11.12 19.00
C SER A 577 -4.61 11.50 17.55
N THR A 578 -3.36 11.78 17.22
CA THR A 578 -2.99 12.14 15.85
C THR A 578 -1.97 11.12 15.33
N GLN A 579 -1.85 10.00 16.04
CA GLN A 579 -0.90 8.95 15.69
C GLN A 579 -1.38 7.88 14.69
N THR A 580 -2.63 7.98 14.24
CA THR A 580 -3.14 7.00 13.28
C THR A 580 -3.40 7.63 11.91
N THR A 581 -3.99 6.84 11.01
CA THR A 581 -4.28 7.30 9.65
C THR A 581 -5.11 8.58 9.60
N TYR A 582 -6.23 8.60 10.31
CA TYR A 582 -7.08 9.77 10.37
C TYR A 582 -7.47 10.06 11.81
N TYR A 583 -7.89 11.29 12.07
CA TYR A 583 -8.33 11.72 13.38
C TYR A 583 -9.17 12.96 13.09
N TYR A 584 -10.02 13.33 14.03
CA TYR A 584 -10.90 14.47 13.82
C TYR A 584 -10.62 15.66 14.69
N LYS A 585 -11.38 16.72 14.41
CA LYS A 585 -11.28 17.97 15.15
C LYS A 585 -12.71 18.39 15.42
N GLY A 586 -13.10 18.35 16.69
CA GLY A 586 -14.45 18.72 17.05
C GLY A 586 -15.35 17.50 17.19
N ASP A 587 -16.51 17.58 16.56
CA ASP A 587 -17.48 16.51 16.61
C ASP A 587 -17.09 15.41 15.61
N PRO A 588 -17.01 14.15 16.08
CA PRO A 588 -16.64 13.02 15.24
C PRO A 588 -17.63 12.82 14.09
N ILE A 589 -18.90 12.73 14.42
CA ILE A 589 -19.93 12.52 13.42
C ILE A 589 -19.96 13.70 12.47
N GLY A 590 -19.53 14.86 12.95
CA GLY A 590 -19.50 16.03 12.10
C GLY A 590 -18.39 15.85 11.10
N ALA A 591 -17.28 15.30 11.57
CA ALA A 591 -16.11 15.09 10.73
C ALA A 591 -16.41 14.11 9.61
N TYR A 592 -17.29 13.15 9.89
CA TYR A 592 -17.69 12.13 8.91
C TYR A 592 -18.39 12.81 7.72
N LYS A 593 -19.38 13.63 8.05
CA LYS A 593 -20.16 14.36 7.05
C LYS A 593 -19.21 15.20 6.21
N ASP A 594 -18.09 15.57 6.83
CA ASP A 594 -17.06 16.41 6.22
C ASP A 594 -16.41 15.74 5.01
N VAL A 595 -16.02 14.47 5.14
CA VAL A 595 -15.37 13.76 4.03
C VAL A 595 -16.27 12.81 3.25
N ILE A 596 -17.35 12.33 3.86
CA ILE A 596 -18.21 11.41 3.15
C ILE A 596 -19.27 12.16 2.35
N GLY A 597 -19.71 13.30 2.86
CA GLY A 597 -20.69 14.09 2.14
C GLY A 597 -22.11 13.91 2.64
N LYS A 598 -22.28 13.05 3.65
CA LYS A 598 -23.58 12.78 4.25
C LYS A 598 -23.43 12.36 5.71
N ASN A 599 -24.47 12.56 6.52
CA ASN A 599 -24.40 12.17 7.93
C ASN A 599 -24.53 10.65 8.05
N LEU A 600 -23.84 10.09 9.03
CA LEU A 600 -23.86 8.64 9.25
C LEU A 600 -25.30 8.12 9.35
N CYS A 601 -26.19 8.93 9.90
CA CYS A 601 -27.58 8.53 10.07
C CYS A 601 -28.38 8.42 8.78
N GLU A 602 -27.84 8.94 7.68
CA GLU A 602 -28.53 8.87 6.40
C GLU A 602 -28.21 7.55 5.67
N LEU A 603 -27.26 6.80 6.23
CA LEU A 603 -26.83 5.51 5.67
C LEU A 603 -27.87 4.46 6.03
N LYS A 604 -28.77 4.16 5.10
CA LYS A 604 -29.82 3.21 5.40
C LYS A 604 -29.66 1.77 4.98
N ARG A 605 -28.84 1.50 3.96
CA ARG A 605 -28.69 0.12 3.48
C ARG A 605 -27.35 -0.25 2.83
N THR A 606 -26.96 -1.50 3.00
CA THR A 606 -25.74 -2.02 2.44
C THR A 606 -26.07 -3.20 1.53
N GLY A 607 -25.32 -3.35 0.44
CA GLY A 607 -25.55 -4.45 -0.48
C GLY A 607 -25.78 -5.73 0.29
N PHE A 608 -26.92 -6.35 0.08
CA PHE A 608 -27.25 -7.57 0.81
C PHE A 608 -26.29 -8.75 0.59
N GLU A 609 -26.11 -9.16 -0.66
CA GLU A 609 -25.24 -10.29 -0.94
C GLU A 609 -23.77 -10.03 -0.62
N LYS A 610 -23.34 -8.79 -0.87
CA LYS A 610 -21.97 -8.38 -0.62
C LYS A 610 -21.68 -8.43 0.90
N LEU A 611 -22.46 -7.69 1.70
CA LEU A 611 -22.27 -7.65 3.16
C LEU A 611 -22.22 -9.07 3.70
N ALA A 612 -23.22 -9.87 3.33
CA ALA A 612 -23.31 -11.26 3.74
C ALA A 612 -22.05 -12.06 3.42
N ASN A 613 -21.59 -12.00 2.17
CA ASN A 613 -20.38 -12.72 1.81
C ASN A 613 -19.17 -12.33 2.67
N LEU A 614 -18.94 -11.02 2.82
CA LEU A 614 -17.82 -10.54 3.62
C LEU A 614 -17.94 -10.91 5.11
N ASN A 615 -19.10 -11.43 5.50
CA ASN A 615 -19.39 -11.85 6.87
C ASN A 615 -19.39 -13.37 6.99
N LEU A 616 -19.18 -14.06 5.87
CA LEU A 616 -19.17 -15.51 5.91
C LEU A 616 -18.06 -16.04 6.83
N SER A 617 -16.87 -15.46 6.75
CA SER A 617 -15.73 -15.90 7.58
C SER A 617 -15.99 -15.85 9.09
N LEU A 618 -16.84 -14.93 9.54
CA LEU A 618 -17.17 -14.79 10.96
C LEU A 618 -17.97 -16.00 11.42
N SER A 619 -18.69 -16.63 10.49
CA SER A 619 -19.49 -17.80 10.82
C SER A 619 -18.73 -19.11 10.56
N THR A 620 -17.86 -19.11 9.57
CA THR A 620 -17.08 -20.31 9.23
C THR A 620 -15.90 -20.54 10.18
N LEU A 621 -15.47 -19.49 10.87
CA LEU A 621 -14.35 -19.60 11.83
C LEU A 621 -14.91 -19.45 13.25
N GLY A 622 -16.23 -19.46 13.37
CA GLY A 622 -16.87 -19.31 14.66
C GLY A 622 -16.25 -18.15 15.42
N ILE A 623 -16.31 -16.95 14.86
CA ILE A 623 -15.74 -15.78 15.52
C ILE A 623 -16.82 -15.01 16.30
N TRP A 624 -18.07 -15.18 15.89
CA TRP A 624 -19.19 -14.55 16.59
C TRP A 624 -20.30 -15.54 16.90
N SER A 625 -21.08 -15.22 17.92
CA SER A 625 -22.19 -16.06 18.35
C SER A 625 -23.45 -15.64 17.62
N LYS A 626 -24.41 -16.54 17.58
CA LYS A 626 -25.66 -16.25 16.89
C LYS A 626 -26.46 -15.16 17.60
N HIS A 627 -25.80 -14.41 18.47
CA HIS A 627 -26.47 -13.34 19.19
C HIS A 627 -25.66 -12.05 19.25
N THR A 628 -24.42 -12.10 18.78
CA THR A 628 -23.53 -10.95 18.77
C THR A 628 -24.16 -9.71 18.13
N SER A 629 -24.91 -9.91 17.06
CA SER A 629 -25.54 -8.80 16.36
C SER A 629 -26.57 -8.11 17.24
N LYS A 630 -27.42 -8.89 17.91
CA LYS A 630 -28.44 -8.32 18.77
C LYS A 630 -27.84 -7.69 20.02
N ARG A 631 -26.94 -8.42 20.67
CA ARG A 631 -26.28 -7.93 21.87
C ARG A 631 -25.69 -6.55 21.64
N ILE A 632 -24.87 -6.45 20.61
CA ILE A 632 -24.20 -5.21 20.26
C ILE A 632 -25.21 -4.07 20.08
N ILE A 633 -26.39 -4.39 19.55
CA ILE A 633 -27.43 -3.39 19.35
C ILE A 633 -28.03 -2.94 20.69
N GLN A 634 -28.44 -3.91 21.52
CA GLN A 634 -29.02 -3.56 22.80
C GLN A 634 -28.07 -2.74 23.65
N ASP A 635 -26.76 -2.92 23.42
CA ASP A 635 -25.78 -2.14 24.16
C ASP A 635 -25.92 -0.69 23.72
N CYS A 636 -26.17 -0.49 22.43
CA CYS A 636 -26.31 0.86 21.87
C CYS A 636 -27.62 1.53 22.27
N VAL A 637 -28.73 0.82 22.10
CA VAL A 637 -30.04 1.35 22.43
C VAL A 637 -30.13 1.74 23.90
N THR A 638 -29.48 0.96 24.76
CA THR A 638 -29.47 1.24 26.19
C THR A 638 -28.86 2.61 26.43
N ILE A 639 -27.74 2.88 25.75
CA ILE A 639 -27.06 4.17 25.90
C ILE A 639 -27.90 5.30 25.31
N GLY A 640 -28.46 5.07 24.13
CA GLY A 640 -29.26 6.09 23.47
C GLY A 640 -30.67 6.30 24.01
N LYS A 641 -31.21 5.31 24.72
CA LYS A 641 -32.56 5.40 25.27
C LYS A 641 -32.70 6.57 26.24
N GLU A 642 -31.63 6.87 26.96
CA GLU A 642 -31.64 7.98 27.91
C GLU A 642 -31.64 9.29 27.12
N GLU A 643 -32.44 10.26 27.55
CA GLU A 643 -32.51 11.53 26.85
C GLU A 643 -31.19 12.28 26.77
N GLY A 644 -31.06 13.08 25.74
CA GLY A 644 -29.85 13.85 25.52
C GLY A 644 -29.42 13.78 24.06
N ASN A 645 -28.13 13.96 23.84
CA ASN A 645 -27.55 13.93 22.50
C ASN A 645 -26.38 12.94 22.49
N TRP A 646 -26.70 11.65 22.48
CA TRP A 646 -25.68 10.60 22.52
C TRP A 646 -25.19 10.13 21.14
N LEU A 647 -23.88 10.00 21.02
CA LEU A 647 -23.24 9.59 19.77
C LEU A 647 -23.78 8.33 19.08
N VAL A 648 -24.28 7.37 19.84
CA VAL A 648 -24.76 6.17 19.21
C VAL A 648 -26.06 6.34 18.41
N ASN A 649 -26.74 7.47 18.59
CA ASN A 649 -27.98 7.72 17.84
C ASN A 649 -27.69 8.24 16.42
N ALA A 650 -26.43 8.17 16.01
CA ALA A 650 -26.04 8.63 14.67
C ALA A 650 -26.29 7.47 13.72
N ASP A 651 -26.30 6.26 14.28
CA ASP A 651 -26.55 5.03 13.54
C ASP A 651 -28.06 4.99 13.28
N ARG A 652 -28.46 5.12 12.03
CA ARG A 652 -29.89 5.14 11.67
C ARG A 652 -30.76 4.12 12.41
N LEU A 653 -30.29 2.88 12.55
CA LEU A 653 -31.08 1.86 13.25
C LEU A 653 -31.30 2.13 14.73
N ILE A 654 -30.22 2.32 15.48
CA ILE A 654 -30.33 2.59 16.92
C ILE A 654 -31.21 3.81 17.20
N SER A 655 -31.08 4.84 16.37
CA SER A 655 -31.87 6.05 16.51
C SER A 655 -33.37 5.76 16.33
N SER A 656 -33.69 4.79 15.48
CA SER A 656 -35.09 4.44 15.25
C SER A 656 -35.65 3.71 16.47
N LYS A 657 -34.83 2.86 17.08
CA LYS A 657 -35.22 2.09 18.26
C LYS A 657 -35.25 2.92 19.54
N THR A 658 -34.56 4.07 19.54
CA THR A 658 -34.52 4.91 20.72
C THR A 658 -35.48 6.09 20.56
N GLY A 659 -35.72 6.49 19.32
CA GLY A 659 -36.61 7.61 19.08
C GLY A 659 -35.87 8.92 19.33
N HIS A 660 -34.57 8.81 19.55
CA HIS A 660 -33.74 9.98 19.79
C HIS A 660 -32.74 10.17 18.66
N LEU A 661 -32.44 11.43 18.34
CA LEU A 661 -31.49 11.75 17.28
C LEU A 661 -30.21 12.39 17.82
N TYR A 662 -29.13 12.25 17.09
CA TYR A 662 -27.88 12.85 17.50
C TYR A 662 -27.58 14.09 16.67
N ILE A 663 -27.79 15.27 17.27
CA ILE A 663 -27.52 16.52 16.59
C ILE A 663 -26.04 16.81 16.80
N PRO A 664 -25.24 16.73 15.73
CA PRO A 664 -23.79 16.97 15.77
C PRO A 664 -23.47 18.44 15.53
N ASP A 665 -22.25 18.83 15.87
CA ASP A 665 -21.78 20.20 15.67
C ASP A 665 -20.66 20.23 14.64
N LYS A 666 -19.79 21.23 14.75
CA LYS A 666 -18.66 21.39 13.85
C LYS A 666 -17.70 20.20 13.98
N GLY A 667 -17.06 19.83 12.87
CA GLY A 667 -16.15 18.70 12.90
C GLY A 667 -15.41 18.58 11.60
N TYR A 668 -14.11 18.36 11.68
CA TYR A 668 -13.28 18.24 10.48
C TYR A 668 -12.40 17.00 10.55
N THR A 669 -12.04 16.48 9.38
CA THR A 669 -11.20 15.30 9.30
C THR A 669 -9.79 15.66 8.86
N LEU A 670 -8.80 15.22 9.63
CA LEU A 670 -7.41 15.51 9.32
C LEU A 670 -6.60 14.21 9.31
N GLN A 671 -5.43 14.27 8.70
CA GLN A 671 -4.56 13.10 8.63
C GLN A 671 -3.59 13.05 9.78
N GLY A 672 -3.28 11.84 10.24
CA GLY A 672 -2.36 11.67 11.35
C GLY A 672 -0.96 11.27 10.93
N LYS A 673 -0.62 10.00 11.14
CA LYS A 673 0.70 9.45 10.81
C LYS A 673 1.77 10.51 10.51
#